data_1HOZ
#
_entry.id   1HOZ
#
_cell.length_a   52.09
_cell.length_b   74.00
_cell.length_c   82.00
_cell.angle_alpha   90
_cell.angle_beta   104.56
_cell.angle_gamma   90
#
_symmetry.space_group_name_H-M   'P 1 21 1'
#
loop_
_entity.id
_entity.type
_entity.pdbx_description
1 polymer 'INOSINE-ADENOSINE-GUANOSINE-PREFERRING NUCLEOSIDE HYDROLASE'
2 non-polymer 'CALCIUM ION'
3 non-polymer GLYCEROL
4 water water
#
_entity_poly.entity_id   1
_entity_poly.type   'polypeptide(L)'
_entity_poly.pdbx_seq_one_letter_code
;MRGSPHHHHHHGSAKNVVLDHDGNLDDFVAMVLLASNTEKVRLIGALCTDADCFVENGFNVTGKIMCLMHNNMNLPLFPI
GKSAATAVNPFPKEWRCLAKNMDDMPILNIPENVELWDKIKAENEKYEGQQLLADLVMNSEEKVTICVTGPLSNVAWCID
KYGEKFTSKVEECVIMGGAVDVRGNVFLPSTDGTAEWNIYWDPASAKTVFGCPGLRRIMFSLDSTNTVPVRSPYVQRFGE
QTNFLLSILVGTMWAMCTHCELLRDGDGYYAWDALTAAYVVDQKVANVDPVPIDVVVDKQPNEGATVRTDAENYPLTFVA
RNPEAEFFLDMLLRSARAC
;
_entity_poly.pdbx_strand_id   A,B
#
# COMPACT_ATOMS: atom_id res chain seq x y z
N GLY A 12 -31.07 19.23 -15.97
CA GLY A 12 -30.46 19.62 -14.67
C GLY A 12 -29.11 20.31 -14.80
N SER A 13 -28.69 21.00 -13.74
CA SER A 13 -27.42 21.72 -13.72
C SER A 13 -26.58 21.18 -12.56
N ALA A 14 -25.25 21.21 -12.71
CA ALA A 14 -24.37 20.72 -11.66
C ALA A 14 -24.46 21.66 -10.46
N LYS A 15 -24.24 21.10 -9.27
CA LYS A 15 -24.29 21.89 -8.04
C LYS A 15 -22.88 22.08 -7.50
N ASN A 16 -22.65 23.20 -6.84
CA ASN A 16 -21.34 23.51 -6.29
C ASN A 16 -21.03 22.67 -5.06
N VAL A 17 -19.84 22.10 -5.04
CA VAL A 17 -19.38 21.26 -3.93
C VAL A 17 -17.94 21.58 -3.55
N VAL A 18 -17.66 21.52 -2.25
CA VAL A 18 -16.31 21.67 -1.73
C VAL A 18 -16.04 20.39 -0.95
N LEU A 19 -14.88 19.77 -1.19
CA LEU A 19 -14.50 18.57 -0.46
C LEU A 19 -13.58 18.97 0.69
N ASP A 20 -13.98 18.63 1.92
CA ASP A 20 -13.23 18.98 3.15
C ASP A 20 -12.76 17.60 3.64
N HIS A 21 -11.50 17.26 3.39
CA HIS A 21 -10.99 15.91 3.70
C HIS A 21 -9.69 15.83 4.47
N ASP A 22 -9.34 14.62 4.91
CA ASP A 22 -8.10 14.47 5.66
C ASP A 22 -7.10 13.51 5.07
N GLY A 23 -7.14 13.38 3.75
CA GLY A 23 -6.12 12.64 3.06
C GLY A 23 -5.83 11.18 3.20
N ASN A 24 -6.82 10.39 3.60
CA ASN A 24 -6.53 8.96 3.64
C ASN A 24 -7.08 8.36 2.36
N LEU A 25 -6.91 7.06 2.20
CA LEU A 25 -7.34 6.40 0.98
C LEU A 25 -8.81 6.64 0.59
N ASP A 26 -9.74 6.53 1.52
CA ASP A 26 -11.11 6.73 1.12
C ASP A 26 -11.46 8.19 0.82
N ASP A 27 -10.69 9.12 1.39
CA ASP A 27 -10.90 10.54 1.06
C ASP A 27 -10.59 10.72 -0.41
N PHE A 28 -9.58 10.01 -0.89
CA PHE A 28 -9.23 10.19 -2.30
C PHE A 28 -10.18 9.48 -3.24
N VAL A 29 -10.79 8.39 -2.76
CA VAL A 29 -11.79 7.72 -3.60
C VAL A 29 -12.97 8.72 -3.67
N ALA A 30 -13.27 9.37 -2.53
CA ALA A 30 -14.35 10.35 -2.49
C ALA A 30 -14.07 11.47 -3.48
N MET A 31 -12.82 11.91 -3.52
CA MET A 31 -12.41 12.97 -4.43
C MET A 31 -12.63 12.57 -5.89
N VAL A 32 -12.27 11.33 -6.22
CA VAL A 32 -12.44 10.82 -7.58
C VAL A 32 -13.93 10.80 -7.96
N LEU A 33 -14.78 10.32 -7.05
CA LEU A 33 -16.21 10.31 -7.31
C LEU A 33 -16.76 11.69 -7.61
N LEU A 34 -16.39 12.68 -6.80
CA LEU A 34 -16.88 14.05 -7.00
C LEU A 34 -16.37 14.66 -8.28
N ALA A 35 -15.06 14.56 -8.49
CA ALA A 35 -14.45 15.19 -9.65
C ALA A 35 -14.84 14.55 -10.95
N SER A 36 -15.11 13.25 -10.94
CA SER A 36 -15.44 12.57 -12.19
C SER A 36 -16.86 12.80 -12.66
N ASN A 37 -17.73 13.24 -11.78
CA ASN A 37 -19.13 13.45 -12.12
C ASN A 37 -19.45 14.93 -12.37
N THR A 38 -18.87 15.46 -13.44
CA THR A 38 -19.04 16.86 -13.76
C THR A 38 -20.46 17.27 -14.15
N GLU A 39 -21.30 16.34 -14.58
CA GLU A 39 -22.66 16.77 -14.92
C GLU A 39 -23.51 16.98 -13.68
N LYS A 40 -23.11 16.35 -12.57
CA LYS A 40 -23.86 16.46 -11.32
C LYS A 40 -23.18 17.35 -10.30
N VAL A 41 -21.84 17.38 -10.35
CA VAL A 41 -21.06 18.10 -9.38
C VAL A 41 -20.07 19.07 -9.98
N ARG A 42 -20.08 20.31 -9.50
CA ARG A 42 -19.12 21.32 -9.94
C ARG A 42 -18.21 21.41 -8.70
N LEU A 43 -17.04 20.77 -8.76
CA LEU A 43 -16.12 20.74 -7.62
C LEU A 43 -15.36 22.07 -7.63
N ILE A 44 -15.73 22.97 -6.74
CA ILE A 44 -15.12 24.31 -6.73
C ILE A 44 -13.96 24.53 -5.79
N GLY A 45 -13.58 23.50 -5.06
CA GLY A 45 -12.45 23.63 -4.16
C GLY A 45 -12.30 22.43 -3.25
N ALA A 46 -11.13 22.31 -2.61
CA ALA A 46 -10.92 21.24 -1.66
C ALA A 46 -9.97 21.73 -0.59
N LEU A 47 -10.09 21.17 0.60
CA LEU A 47 -9.16 21.49 1.67
C LEU A 47 -8.74 20.19 2.32
N CYS A 48 -7.51 20.15 2.81
CA CYS A 48 -6.97 18.96 3.44
C CYS A 48 -6.54 19.29 4.86
N THR A 49 -6.92 18.40 5.78
CA THR A 49 -6.63 18.52 7.19
C THR A 49 -5.63 17.47 7.66
N ASP A 50 -4.78 17.87 8.59
CA ASP A 50 -3.72 17.05 9.16
C ASP A 50 -4.28 16.04 10.17
N ALA A 51 -5.32 15.31 9.76
CA ALA A 51 -5.94 14.32 10.64
C ALA A 51 -5.45 12.92 10.32
N ASP A 52 -6.15 12.25 9.41
CA ASP A 52 -5.77 10.90 9.03
C ASP A 52 -4.75 10.92 7.89
N CYS A 53 -3.82 11.87 7.96
CA CYS A 53 -2.75 12.05 6.98
C CYS A 53 -1.81 13.13 7.50
N PHE A 54 -0.65 13.27 6.86
CA PHE A 54 0.24 14.37 7.24
C PHE A 54 -0.22 15.38 6.18
N VAL A 55 -0.77 16.51 6.63
CA VAL A 55 -1.33 17.49 5.70
C VAL A 55 -0.54 17.84 4.44
N GLU A 56 0.79 17.92 4.56
CA GLU A 56 1.63 18.24 3.42
C GLU A 56 1.45 17.19 2.34
N ASN A 57 1.41 15.91 2.74
CA ASN A 57 1.26 14.82 1.78
C ASN A 57 -0.15 14.80 1.22
N GLY A 58 -1.13 15.00 2.09
CA GLY A 58 -2.51 15.03 1.64
C GLY A 58 -2.76 16.13 0.63
N PHE A 59 -2.15 17.29 0.87
CA PHE A 59 -2.26 18.42 -0.02
C PHE A 59 -1.65 18.05 -1.39
N ASN A 60 -0.46 17.46 -1.37
CA ASN A 60 0.20 17.12 -2.60
C ASN A 60 -0.55 16.11 -3.43
N VAL A 61 -1.09 15.10 -2.76
CA VAL A 61 -1.83 14.07 -3.48
C VAL A 61 -3.10 14.65 -4.05
N THR A 62 -3.76 15.54 -3.32
CA THR A 62 -4.99 16.17 -3.84
C THR A 62 -4.62 16.90 -5.13
N GLY A 63 -3.50 17.60 -5.11
CA GLY A 63 -3.08 18.31 -6.30
C GLY A 63 -2.71 17.40 -7.45
N LYS A 64 -1.97 16.34 -7.15
CA LYS A 64 -1.58 15.37 -8.18
C LYS A 64 -2.79 14.69 -8.82
N ILE A 65 -3.82 14.39 -8.02
CA ILE A 65 -4.98 13.77 -8.61
C ILE A 65 -5.72 14.81 -9.45
N MET A 66 -5.90 16.02 -8.94
CA MET A 66 -6.60 17.05 -9.70
C MET A 66 -5.91 17.28 -11.06
N CYS A 67 -4.59 17.33 -11.03
CA CYS A 67 -3.86 17.59 -12.27
C CYS A 67 -3.89 16.42 -13.25
N LEU A 68 -3.88 15.20 -12.72
CA LEU A 68 -3.99 14.00 -13.54
C LEU A 68 -5.34 14.09 -14.27
N MET A 69 -6.40 14.46 -13.55
CA MET A 69 -7.72 14.51 -14.17
C MET A 69 -7.83 15.66 -15.16
N HIS A 70 -7.39 16.85 -14.78
CA HIS A 70 -7.43 17.99 -15.69
C HIS A 70 -6.65 17.70 -17.01
N ASN A 71 -5.55 16.95 -16.93
CA ASN A 71 -4.79 16.66 -18.16
C ASN A 71 -5.31 15.49 -18.94
N ASN A 72 -6.44 14.93 -18.51
CA ASN A 72 -7.00 13.77 -19.22
C ASN A 72 -8.50 13.77 -19.45
N MET A 73 -9.16 14.84 -19.03
CA MET A 73 -10.58 14.96 -19.23
C MET A 73 -11.03 16.40 -19.03
N ASN A 74 -12.28 16.66 -19.34
CA ASN A 74 -12.82 17.99 -19.15
C ASN A 74 -13.17 18.11 -17.66
N LEU A 75 -12.33 18.83 -16.92
CA LEU A 75 -12.53 19.05 -15.49
C LEU A 75 -11.77 20.33 -15.15
N PRO A 76 -12.48 21.37 -14.71
CA PRO A 76 -11.78 22.61 -14.37
C PRO A 76 -10.94 22.48 -13.12
N LEU A 77 -9.82 23.20 -13.09
CA LEU A 77 -8.98 23.23 -11.92
C LEU A 77 -9.71 24.01 -10.84
N PHE A 78 -9.38 23.72 -9.58
CA PHE A 78 -9.99 24.39 -8.45
C PHE A 78 -8.92 24.63 -7.40
N PRO A 79 -9.19 25.57 -6.47
CA PRO A 79 -8.20 25.82 -5.42
C PRO A 79 -8.19 24.70 -4.39
N ILE A 80 -6.99 24.46 -3.85
CA ILE A 80 -6.80 23.47 -2.82
C ILE A 80 -6.07 24.13 -1.66
N GLY A 81 -6.59 24.01 -0.45
CA GLY A 81 -5.94 24.63 0.69
C GLY A 81 -5.60 23.69 1.83
N LYS A 82 -4.55 24.04 2.58
CA LYS A 82 -4.12 23.26 3.71
C LYS A 82 -4.77 23.85 4.95
N SER A 83 -5.53 23.04 5.68
CA SER A 83 -6.17 23.54 6.89
C SER A 83 -5.17 23.65 8.04
N ALA A 84 -5.35 24.71 8.84
CA ALA A 84 -4.47 24.90 9.99
C ALA A 84 -5.04 24.18 11.22
N ALA A 85 -6.15 23.46 11.05
CA ALA A 85 -6.78 22.77 12.17
C ALA A 85 -5.79 21.86 12.88
N THR A 86 -5.88 21.83 14.20
CA THR A 86 -5.01 20.99 14.99
C THR A 86 -5.87 19.94 15.70
N ALA A 87 -5.29 18.77 15.91
CA ALA A 87 -5.98 17.64 16.55
C ALA A 87 -6.23 17.79 18.03
N VAL A 88 -7.34 17.21 18.49
CA VAL A 88 -7.62 17.17 19.91
C VAL A 88 -7.03 15.79 20.25
N ASN A 89 -7.41 14.78 19.46
CA ASN A 89 -6.92 13.40 19.61
C ASN A 89 -6.45 12.91 18.25
N PRO A 90 -5.13 12.88 18.01
CA PRO A 90 -4.57 12.42 16.73
C PRO A 90 -4.90 10.98 16.29
N PHE A 91 -4.90 10.75 14.99
CA PHE A 91 -5.14 9.39 14.46
C PHE A 91 -3.89 8.55 14.71
N PRO A 92 -4.01 7.21 14.60
CA PRO A 92 -2.85 6.34 14.81
C PRO A 92 -1.77 6.68 13.77
N LYS A 93 -0.54 6.84 14.22
CA LYS A 93 0.57 7.17 13.32
C LYS A 93 0.55 6.29 12.08
N GLU A 94 0.39 4.99 12.30
CA GLU A 94 0.37 4.01 11.22
C GLU A 94 -0.61 4.33 10.09
N TRP A 95 -1.78 4.86 10.42
CA TRP A 95 -2.79 5.18 9.39
C TRP A 95 -2.53 6.46 8.63
N ARG A 96 -1.90 7.43 9.28
CA ARG A 96 -1.66 8.71 8.64
C ARG A 96 -0.61 8.74 7.54
N CYS A 97 0.21 7.71 7.43
CA CYS A 97 1.26 7.74 6.41
C CYS A 97 0.82 7.31 5.03
N LEU A 98 -0.45 6.96 4.86
CA LEU A 98 -0.84 6.53 3.53
C LEU A 98 -0.72 7.61 2.46
N ALA A 99 -1.01 8.86 2.78
CA ALA A 99 -0.88 9.90 1.75
C ALA A 99 0.57 9.99 1.29
N LYS A 100 1.49 9.73 2.21
CA LYS A 100 2.92 9.78 1.85
C LYS A 100 3.18 8.71 0.81
N ASN A 101 2.60 7.52 1.00
CA ASN A 101 2.80 6.44 0.06
C ASN A 101 2.15 6.77 -1.29
N MET A 102 0.95 7.32 -1.23
CA MET A 102 0.26 7.67 -2.45
C MET A 102 1.01 8.73 -3.23
N ASP A 103 1.71 9.60 -2.50
CA ASP A 103 2.47 10.68 -3.13
C ASP A 103 3.53 10.10 -4.05
N ASP A 104 3.97 8.87 -3.77
CA ASP A 104 5.00 8.24 -4.59
C ASP A 104 4.49 7.22 -5.63
N MET A 105 3.18 7.01 -5.67
CA MET A 105 2.64 6.03 -6.62
C MET A 105 2.88 6.49 -8.05
N PRO A 106 3.28 5.57 -8.94
CA PRO A 106 3.53 5.99 -10.30
C PRO A 106 2.43 6.69 -11.09
N ILE A 107 1.19 6.27 -10.90
CA ILE A 107 0.10 6.87 -11.66
C ILE A 107 -0.11 8.34 -11.30
N LEU A 108 0.38 8.76 -10.14
CA LEU A 108 0.25 10.16 -9.73
C LEU A 108 1.53 10.96 -10.01
N ASN A 109 2.51 10.35 -10.66
CA ASN A 109 3.76 11.03 -10.94
C ASN A 109 4.14 11.01 -12.41
N ILE A 110 3.12 11.10 -13.27
CA ILE A 110 3.38 11.15 -14.71
C ILE A 110 3.91 12.58 -14.91
N PRO A 111 5.06 12.74 -15.59
CA PRO A 111 5.63 14.07 -15.80
C PRO A 111 4.72 15.21 -16.24
N GLU A 112 3.89 14.99 -17.25
CA GLU A 112 3.04 16.09 -17.71
C GLU A 112 2.09 16.56 -16.59
N ASN A 113 1.72 15.64 -15.70
CA ASN A 113 0.81 15.99 -14.62
C ASN A 113 1.53 16.62 -13.47
N VAL A 114 2.72 16.13 -13.17
CA VAL A 114 3.49 16.70 -12.08
C VAL A 114 3.90 18.11 -12.51
N GLU A 115 4.22 18.26 -13.78
CA GLU A 115 4.59 19.56 -14.35
C GLU A 115 3.45 20.57 -14.12
N LEU A 116 2.22 20.16 -14.40
CA LEU A 116 1.10 21.06 -14.20
C LEU A 116 0.95 21.40 -12.71
N TRP A 117 1.12 20.41 -11.85
CA TRP A 117 1.00 20.68 -10.41
C TRP A 117 2.09 21.66 -9.97
N ASP A 118 3.32 21.46 -10.45
CA ASP A 118 4.43 22.35 -10.09
C ASP A 118 4.11 23.79 -10.52
N LYS A 119 3.43 23.94 -11.65
CA LYS A 119 3.08 25.26 -12.18
C LYS A 119 2.01 25.99 -11.38
N ILE A 120 1.07 25.25 -10.80
CA ILE A 120 -0.01 25.91 -10.03
C ILE A 120 0.19 25.77 -8.52
N LYS A 121 1.29 25.15 -8.13
CA LYS A 121 1.56 24.93 -6.72
C LYS A 121 1.65 26.21 -5.89
N ALA A 122 2.41 27.18 -6.39
CA ALA A 122 2.62 28.42 -5.65
C ALA A 122 1.34 29.09 -5.22
N GLU A 123 0.37 29.14 -6.11
CA GLU A 123 -0.89 29.80 -5.78
C GLU A 123 -1.64 29.01 -4.70
N ASN A 124 -1.70 27.70 -4.84
CA ASN A 124 -2.40 26.88 -3.86
C ASN A 124 -1.71 26.77 -2.49
N GLU A 125 -0.39 26.66 -2.45
CA GLU A 125 0.22 26.51 -1.12
C GLU A 125 0.11 27.75 -0.23
N LYS A 126 -0.42 28.84 -0.77
CA LYS A 126 -0.59 30.05 0.04
C LYS A 126 -2.00 30.18 0.65
N TYR A 127 -2.93 29.35 0.23
CA TYR A 127 -4.27 29.41 0.82
C TYR A 127 -4.26 28.87 2.24
N GLU A 128 -5.18 29.36 3.07
CA GLU A 128 -5.37 28.88 4.45
C GLU A 128 -6.68 28.13 4.25
N GLY A 129 -6.63 26.81 4.46
CA GLY A 129 -7.78 25.96 4.25
C GLY A 129 -9.10 26.36 4.85
N GLN A 130 -9.08 26.78 6.12
CA GLN A 130 -10.31 27.14 6.78
C GLN A 130 -10.91 28.39 6.16
N GLN A 131 -10.09 29.41 5.92
CA GLN A 131 -10.63 30.61 5.29
C GLN A 131 -11.08 30.29 3.86
N LEU A 132 -10.38 29.38 3.19
CA LEU A 132 -10.78 29.00 1.84
C LEU A 132 -12.18 28.38 1.86
N LEU A 133 -12.45 27.50 2.82
CA LEU A 133 -13.78 26.90 2.89
C LEU A 133 -14.83 28.00 3.09
N ALA A 134 -14.56 28.92 4.00
CA ALA A 134 -15.53 29.97 4.26
C ALA A 134 -15.75 30.82 3.03
N ASP A 135 -14.66 31.19 2.36
CA ASP A 135 -14.76 32.04 1.17
C ASP A 135 -15.49 31.37 0.00
N LEU A 136 -15.19 30.10 -0.24
CA LEU A 136 -15.83 29.40 -1.34
C LEU A 136 -17.33 29.28 -1.15
N VAL A 137 -17.73 28.99 0.08
CA VAL A 137 -19.13 28.83 0.40
C VAL A 137 -19.86 30.16 0.35
N MET A 138 -19.31 31.15 1.04
CA MET A 138 -19.96 32.46 1.12
C MET A 138 -19.99 33.30 -0.14
N ASN A 139 -18.98 33.16 -0.99
CA ASN A 139 -18.94 33.97 -2.20
C ASN A 139 -19.51 33.31 -3.45
N SER A 140 -20.04 32.11 -3.29
CA SER A 140 -20.66 31.40 -4.39
C SER A 140 -22.02 32.01 -4.68
N GLU A 141 -22.38 32.11 -5.96
CA GLU A 141 -23.68 32.67 -6.34
C GLU A 141 -24.78 31.77 -5.78
N GLU A 142 -24.67 30.47 -6.06
CA GLU A 142 -25.66 29.51 -5.56
C GLU A 142 -25.12 28.90 -4.27
N LYS A 143 -25.98 28.15 -3.58
CA LYS A 143 -25.57 27.50 -2.33
C LYS A 143 -24.53 26.40 -2.63
N VAL A 144 -23.75 26.07 -1.62
CA VAL A 144 -22.67 25.09 -1.76
C VAL A 144 -22.85 23.90 -0.84
N THR A 145 -22.61 22.71 -1.36
CA THR A 145 -22.70 21.49 -0.56
C THR A 145 -21.28 21.20 -0.08
N ILE A 146 -21.10 20.95 1.21
CA ILE A 146 -19.77 20.65 1.73
C ILE A 146 -19.73 19.15 1.98
N CYS A 147 -18.79 18.45 1.36
CA CYS A 147 -18.67 17.00 1.58
C CYS A 147 -17.54 16.88 2.58
N VAL A 148 -17.87 16.47 3.81
CA VAL A 148 -16.85 16.37 4.87
C VAL A 148 -16.47 14.93 5.08
N THR A 149 -15.22 14.60 4.74
CA THR A 149 -14.77 13.23 4.91
C THR A 149 -13.66 13.09 5.95
N GLY A 150 -13.33 14.20 6.62
CA GLY A 150 -12.35 14.18 7.69
C GLY A 150 -13.08 14.75 8.90
N PRO A 151 -12.37 15.21 9.91
CA PRO A 151 -13.00 15.77 11.11
C PRO A 151 -13.81 17.04 10.81
N LEU A 152 -14.63 17.47 11.77
CA LEU A 152 -15.48 18.64 11.56
C LEU A 152 -14.88 19.99 11.97
N SER A 153 -13.58 20.00 12.21
CA SER A 153 -12.86 21.20 12.65
C SER A 153 -13.02 22.42 11.76
N ASN A 154 -13.05 22.18 10.46
CA ASN A 154 -13.14 23.30 9.53
C ASN A 154 -14.51 23.89 9.39
N VAL A 155 -15.53 23.05 9.35
CA VAL A 155 -16.88 23.59 9.28
C VAL A 155 -17.16 24.33 10.61
N ALA A 156 -16.67 23.78 11.72
CA ALA A 156 -16.86 24.40 13.05
C ALA A 156 -16.21 25.77 13.06
N TRP A 157 -14.98 25.83 12.54
CA TRP A 157 -14.24 27.09 12.48
C TRP A 157 -15.04 28.15 11.72
N CYS A 158 -15.67 27.74 10.63
CA CYS A 158 -16.46 28.67 9.82
C CYS A 158 -17.70 29.14 10.58
N ILE A 159 -18.33 28.22 11.29
CA ILE A 159 -19.53 28.56 12.06
C ILE A 159 -19.14 29.50 13.19
N ASP A 160 -18.00 29.24 13.82
CA ASP A 160 -17.58 30.10 14.91
C ASP A 160 -17.24 31.49 14.41
N LYS A 161 -16.61 31.58 13.25
CA LYS A 161 -16.23 32.88 12.75
C LYS A 161 -17.33 33.67 12.07
N TYR A 162 -18.14 33.01 11.24
CA TYR A 162 -19.17 33.72 10.49
C TYR A 162 -20.62 33.42 10.84
N GLY A 163 -20.85 32.44 11.69
CA GLY A 163 -22.21 32.11 12.06
C GLY A 163 -23.14 31.98 10.88
N GLU A 164 -24.31 32.57 11.01
CA GLU A 164 -25.35 32.49 9.99
C GLU A 164 -24.94 32.99 8.60
N LYS A 165 -23.94 33.86 8.52
CA LYS A 165 -23.48 34.38 7.23
C LYS A 165 -22.83 33.24 6.43
N PHE A 166 -22.37 32.22 7.16
CA PHE A 166 -21.77 31.05 6.53
C PHE A 166 -22.82 29.95 6.31
N THR A 167 -23.55 29.59 7.37
CA THR A 167 -24.54 28.53 7.25
C THR A 167 -25.67 28.81 6.25
N SER A 168 -26.06 30.08 6.09
CA SER A 168 -27.12 30.40 5.16
C SER A 168 -26.75 30.14 3.70
N LYS A 169 -25.46 29.97 3.44
CA LYS A 169 -24.98 29.71 2.09
C LYS A 169 -24.67 28.25 1.85
N VAL A 170 -24.86 27.42 2.88
CA VAL A 170 -24.59 26.00 2.74
C VAL A 170 -25.87 25.25 2.35
N GLU A 171 -25.85 24.56 1.22
CA GLU A 171 -27.00 23.78 0.76
C GLU A 171 -27.21 22.68 1.82
N GLU A 172 -26.14 21.91 2.05
CA GLU A 172 -26.13 20.90 3.09
C GLU A 172 -24.69 20.48 3.29
N CYS A 173 -24.43 19.91 4.47
CA CYS A 173 -23.14 19.40 4.86
C CYS A 173 -23.34 17.92 4.87
N VAL A 174 -22.61 17.19 4.03
CA VAL A 174 -22.76 15.72 4.01
C VAL A 174 -21.51 15.24 4.68
N ILE A 175 -21.71 14.63 5.85
CA ILE A 175 -20.64 14.22 6.76
C ILE A 175 -20.39 12.76 6.96
N MET A 176 -19.13 12.35 6.88
CA MET A 176 -18.79 10.97 7.21
C MET A 176 -18.36 11.05 8.67
N GLY A 177 -19.13 10.43 9.55
CA GLY A 177 -18.73 10.45 10.94
C GLY A 177 -19.79 10.00 11.90
N GLY A 178 -19.34 9.55 13.06
CA GLY A 178 -20.26 9.14 14.10
C GLY A 178 -20.71 7.71 14.05
N ALA A 179 -21.44 7.33 15.11
CA ALA A 179 -22.00 6.00 15.29
C ALA A 179 -23.12 6.29 16.28
N VAL A 180 -24.35 6.07 15.86
CA VAL A 180 -25.50 6.41 16.67
C VAL A 180 -26.05 5.29 17.53
N ASP A 181 -26.46 4.21 16.87
CA ASP A 181 -27.01 3.07 17.60
C ASP A 181 -26.14 1.83 17.49
N VAL A 182 -24.96 1.96 16.88
CA VAL A 182 -24.04 0.85 16.79
C VAL A 182 -22.75 1.28 17.45
N ARG A 183 -21.86 0.32 17.69
CA ARG A 183 -20.57 0.58 18.30
C ARG A 183 -19.76 1.50 17.39
N GLY A 184 -18.79 2.20 17.98
CA GLY A 184 -17.92 3.09 17.19
C GLY A 184 -16.72 2.31 16.67
N ASN A 185 -15.61 3.00 16.37
CA ASN A 185 -14.42 2.30 15.89
C ASN A 185 -13.13 2.78 16.52
N VAL A 186 -13.25 3.56 17.59
CA VAL A 186 -12.09 4.07 18.32
C VAL A 186 -11.88 3.10 19.49
N PHE A 187 -10.95 2.17 19.28
CA PHE A 187 -10.63 1.15 20.27
C PHE A 187 -9.26 1.42 20.85
N LEU A 188 -9.25 2.13 21.98
CA LEU A 188 -8.01 2.47 22.66
C LEU A 188 -8.14 2.04 24.10
N PRO A 189 -7.01 1.84 24.81
CA PRO A 189 -7.06 1.42 26.21
C PRO A 189 -7.93 2.35 27.06
N SER A 190 -7.95 3.62 26.69
CA SER A 190 -8.71 4.61 27.45
C SER A 190 -10.15 4.89 26.97
N THR A 191 -10.59 4.25 25.89
CA THR A 191 -11.95 4.50 25.41
C THR A 191 -12.84 3.28 25.56
N ASP A 192 -14.16 3.48 25.41
CA ASP A 192 -15.09 2.37 25.56
C ASP A 192 -15.59 1.82 24.23
N GLY A 193 -15.06 2.36 23.14
CA GLY A 193 -15.43 1.87 21.82
C GLY A 193 -16.72 2.43 21.22
N THR A 194 -17.33 3.41 21.88
CA THR A 194 -18.56 3.95 21.33
C THR A 194 -18.38 5.14 20.37
N ALA A 195 -17.16 5.64 20.25
CA ALA A 195 -16.91 6.79 19.37
C ALA A 195 -16.32 6.38 18.03
N GLU A 196 -16.54 7.23 17.04
CA GLU A 196 -16.02 7.02 15.68
C GLU A 196 -14.86 8.02 15.52
N TRP A 197 -13.85 7.62 14.75
CA TRP A 197 -12.63 8.43 14.56
C TRP A 197 -12.74 9.88 14.12
N ASN A 198 -13.51 10.16 13.07
CA ASN A 198 -13.60 11.56 12.64
C ASN A 198 -14.10 12.48 13.73
N ILE A 199 -15.06 12.02 14.51
CA ILE A 199 -15.61 12.84 15.60
C ILE A 199 -14.60 12.90 16.76
N TYR A 200 -14.00 11.76 17.06
CA TYR A 200 -13.03 11.65 18.15
C TYR A 200 -11.82 12.55 17.95
N TRP A 201 -11.41 12.75 16.69
CA TRP A 201 -10.27 13.60 16.41
C TRP A 201 -10.47 15.01 16.98
N ASP A 202 -11.69 15.52 16.92
CA ASP A 202 -12.01 16.86 17.43
C ASP A 202 -13.49 16.90 17.86
N PRO A 203 -13.77 16.40 19.06
CA PRO A 203 -15.15 16.39 19.55
C PRO A 203 -15.82 17.76 19.66
N ALA A 204 -15.11 18.75 20.18
CA ALA A 204 -15.71 20.09 20.32
C ALA A 204 -16.17 20.66 18.99
N SER A 205 -15.37 20.51 17.94
CA SER A 205 -15.77 21.03 16.66
C SER A 205 -17.02 20.29 16.17
N ALA A 206 -17.06 18.97 16.36
CA ALA A 206 -18.23 18.20 15.95
C ALA A 206 -19.49 18.67 16.70
N LYS A 207 -19.34 18.92 18.00
CA LYS A 207 -20.49 19.38 18.78
C LYS A 207 -21.03 20.71 18.22
N THR A 208 -20.13 21.62 17.87
CA THR A 208 -20.55 22.89 17.31
C THR A 208 -21.34 22.66 16.02
N VAL A 209 -20.84 21.74 15.20
CA VAL A 209 -21.51 21.48 13.93
C VAL A 209 -22.87 20.80 14.11
N PHE A 210 -22.92 19.74 14.92
CA PHE A 210 -24.18 19.03 15.08
C PHE A 210 -25.25 19.80 15.86
N GLY A 211 -24.83 20.78 16.66
CA GLY A 211 -25.80 21.56 17.40
C GLY A 211 -26.12 22.89 16.76
N CYS A 212 -25.59 23.12 15.56
CA CYS A 212 -25.84 24.39 14.87
C CYS A 212 -27.24 24.53 14.32
N PRO A 213 -27.94 25.59 14.72
CA PRO A 213 -29.29 25.77 14.19
C PRO A 213 -29.09 26.35 12.79
N GLY A 214 -30.03 26.10 11.90
CA GLY A 214 -29.89 26.67 10.58
C GLY A 214 -28.87 26.03 9.67
N LEU A 215 -28.44 24.82 9.98
CA LEU A 215 -27.51 24.11 9.10
C LEU A 215 -28.12 22.76 8.76
N ARG A 216 -28.24 22.45 7.47
CA ARG A 216 -28.76 21.15 7.07
C ARG A 216 -27.58 20.18 7.07
N ARG A 217 -27.73 19.07 7.79
CA ARG A 217 -26.66 18.07 7.90
C ARG A 217 -27.15 16.70 7.49
N ILE A 218 -26.37 16.04 6.62
CA ILE A 218 -26.66 14.65 6.22
C ILE A 218 -25.48 13.91 6.87
N MET A 219 -25.79 12.89 7.68
CA MET A 219 -24.76 12.16 8.39
C MET A 219 -24.61 10.70 8.00
N PHE A 220 -23.45 10.33 7.48
CA PHE A 220 -23.20 8.92 7.19
C PHE A 220 -22.41 8.38 8.38
N SER A 221 -23.14 7.83 9.34
CA SER A 221 -22.53 7.24 10.53
C SER A 221 -22.24 5.77 10.26
N LEU A 222 -21.52 5.12 11.17
CA LEU A 222 -21.19 3.71 11.00
C LEU A 222 -22.47 2.88 10.85
N ASP A 223 -23.59 3.39 11.36
CA ASP A 223 -24.84 2.64 11.23
C ASP A 223 -25.12 2.29 9.77
N SER A 224 -24.80 3.21 8.86
CA SER A 224 -25.02 2.96 7.44
C SER A 224 -23.75 2.47 6.73
N THR A 225 -22.62 3.07 7.03
CA THR A 225 -21.40 2.68 6.32
C THR A 225 -21.01 1.22 6.56
N ASN A 226 -21.36 0.68 7.71
CA ASN A 226 -21.04 -0.72 8.03
C ASN A 226 -21.69 -1.68 7.04
N THR A 227 -22.74 -1.24 6.37
CA THR A 227 -23.45 -2.13 5.45
C THR A 227 -22.87 -2.26 4.05
N VAL A 228 -21.79 -1.53 3.76
CA VAL A 228 -21.15 -1.60 2.45
C VAL A 228 -19.64 -1.82 2.60
N PRO A 229 -19.23 -3.06 2.95
CA PRO A 229 -17.81 -3.36 3.11
C PRO A 229 -17.02 -3.42 1.80
N VAL A 230 -15.70 -3.20 1.88
CA VAL A 230 -14.85 -3.27 0.69
C VAL A 230 -14.41 -4.74 0.55
N ARG A 231 -14.78 -5.39 -0.55
CA ARG A 231 -14.43 -6.80 -0.76
C ARG A 231 -13.52 -7.02 -1.97
N SER A 232 -12.57 -7.94 -1.81
CA SER A 232 -11.59 -8.24 -2.86
C SER A 232 -12.15 -8.46 -4.25
N PRO A 233 -13.19 -9.29 -4.40
CA PRO A 233 -13.70 -9.48 -5.76
C PRO A 233 -14.09 -8.17 -6.43
N TYR A 234 -14.72 -7.28 -5.69
CA TYR A 234 -15.13 -6.00 -6.27
C TYR A 234 -13.88 -5.16 -6.58
N VAL A 235 -12.99 -5.09 -5.62
CA VAL A 235 -11.78 -4.30 -5.85
C VAL A 235 -11.03 -4.82 -7.07
N GLN A 236 -11.04 -6.14 -7.27
CA GLN A 236 -10.36 -6.70 -8.42
C GLN A 236 -11.01 -6.31 -9.75
N ARG A 237 -12.26 -5.85 -9.69
CA ARG A 237 -12.92 -5.42 -10.93
C ARG A 237 -12.25 -4.20 -11.56
N PHE A 238 -11.53 -3.41 -10.77
CA PHE A 238 -10.84 -2.28 -11.37
C PHE A 238 -9.76 -2.79 -12.33
N GLY A 239 -9.39 -4.07 -12.20
CA GLY A 239 -8.42 -4.67 -13.12
C GLY A 239 -9.01 -4.86 -14.52
N GLU A 240 -10.34 -4.78 -14.63
CA GLU A 240 -11.01 -4.90 -15.92
C GLU A 240 -10.89 -3.58 -16.69
N GLN A 241 -10.43 -2.54 -16.01
CA GLN A 241 -10.40 -1.19 -16.57
C GLN A 241 -9.05 -0.49 -16.48
N THR A 242 -7.96 -1.23 -16.64
CA THR A 242 -6.64 -0.62 -16.51
C THR A 242 -6.26 0.38 -17.60
N ASN A 243 -7.10 0.51 -18.62
CA ASN A 243 -6.86 1.48 -19.66
C ASN A 243 -7.28 2.87 -19.15
N PHE A 244 -7.87 2.90 -17.95
CA PHE A 244 -8.29 4.16 -17.33
C PHE A 244 -7.45 4.47 -16.11
N LEU A 245 -6.82 5.64 -16.12
CA LEU A 245 -5.94 6.04 -15.03
C LEU A 245 -6.63 6.00 -13.67
N LEU A 246 -7.87 6.47 -13.61
CA LEU A 246 -8.61 6.49 -12.35
C LEU A 246 -8.90 5.10 -11.81
N SER A 247 -8.96 4.10 -12.69
CA SER A 247 -9.22 2.73 -12.23
C SER A 247 -7.93 2.15 -11.63
N ILE A 248 -6.79 2.47 -12.23
CA ILE A 248 -5.49 2.07 -11.69
C ILE A 248 -5.39 2.78 -10.33
N LEU A 249 -5.73 4.06 -10.29
CA LEU A 249 -5.67 4.82 -9.04
C LEU A 249 -6.60 4.27 -7.93
N VAL A 250 -7.91 4.20 -8.19
CA VAL A 250 -8.85 3.71 -7.18
C VAL A 250 -8.58 2.27 -6.74
N GLY A 251 -8.34 1.38 -7.71
CA GLY A 251 -8.06 0.00 -7.37
C GLY A 251 -6.82 -0.12 -6.49
N THR A 252 -5.80 0.67 -6.79
CA THR A 252 -4.56 0.61 -6.03
C THR A 252 -4.80 1.09 -4.60
N MET A 253 -5.63 2.13 -4.46
CA MET A 253 -5.91 2.60 -3.11
C MET A 253 -6.78 1.65 -2.28
N TRP A 254 -7.84 1.07 -2.87
CA TRP A 254 -8.69 0.16 -2.10
C TRP A 254 -8.05 -1.20 -1.89
N ALA A 255 -7.01 -1.48 -2.67
CA ALA A 255 -6.32 -2.75 -2.52
C ALA A 255 -5.39 -2.66 -1.34
N MET A 256 -4.92 -1.46 -1.04
CA MET A 256 -3.98 -1.29 0.07
C MET A 256 -3.81 0.16 0.50
N TYR A 269 -12.82 -3.31 6.45
CA TYR A 269 -12.81 -1.93 5.95
C TYR A 269 -14.07 -1.69 5.15
N TYR A 270 -14.54 -0.44 5.16
CA TYR A 270 -15.74 -0.09 4.44
C TYR A 270 -15.53 1.15 3.59
N ALA A 271 -16.46 1.39 2.69
CA ALA A 271 -16.37 2.52 1.78
C ALA A 271 -16.82 3.83 2.43
N TRP A 272 -16.55 4.00 3.71
CA TRP A 272 -16.96 5.20 4.45
C TRP A 272 -17.06 6.51 3.65
N ASP A 273 -15.89 7.09 3.39
CA ASP A 273 -15.84 8.39 2.72
C ASP A 273 -16.39 8.36 1.33
N ALA A 274 -16.18 7.25 0.63
CA ALA A 274 -16.66 7.14 -0.72
C ALA A 274 -18.20 7.14 -0.77
N LEU A 275 -18.85 6.44 0.16
CA LEU A 275 -20.31 6.43 0.20
C LEU A 275 -20.84 7.84 0.39
N THR A 276 -20.18 8.57 1.28
CA THR A 276 -20.55 9.92 1.62
C THR A 276 -20.55 10.81 0.37
N ALA A 277 -19.46 10.72 -0.41
CA ALA A 277 -19.34 11.49 -1.63
C ALA A 277 -20.33 11.01 -2.70
N ALA A 278 -20.57 9.70 -2.76
CA ALA A 278 -21.53 9.19 -3.73
C ALA A 278 -22.92 9.80 -3.54
N TYR A 279 -23.32 10.01 -2.29
CA TYR A 279 -24.60 10.60 -1.96
C TYR A 279 -24.66 12.02 -2.52
N VAL A 280 -23.54 12.74 -2.44
CA VAL A 280 -23.48 14.10 -2.96
C VAL A 280 -23.70 14.05 -4.47
N VAL A 281 -23.11 13.04 -5.11
CA VAL A 281 -23.30 12.87 -6.55
C VAL A 281 -24.77 12.55 -6.86
N ASP A 282 -25.37 11.65 -6.06
CA ASP A 282 -26.77 11.27 -6.30
C ASP A 282 -27.40 10.80 -4.99
N GLN A 283 -28.41 11.54 -4.52
CA GLN A 283 -29.06 11.22 -3.25
C GLN A 283 -29.74 9.87 -3.21
N LYS A 284 -29.91 9.25 -4.38
CA LYS A 284 -30.51 7.92 -4.44
C LYS A 284 -29.66 6.91 -3.67
N VAL A 285 -28.42 7.30 -3.34
CA VAL A 285 -27.53 6.42 -2.59
C VAL A 285 -28.16 6.01 -1.23
N ALA A 286 -28.92 6.91 -0.61
CA ALA A 286 -29.52 6.59 0.69
C ALA A 286 -30.68 7.48 1.12
N ASN A 287 -31.53 6.93 1.97
CA ASN A 287 -32.62 7.72 2.53
C ASN A 287 -32.09 8.17 3.88
N VAL A 288 -32.81 9.05 4.57
CA VAL A 288 -32.31 9.56 5.83
C VAL A 288 -33.32 9.64 7.00
N ASP A 289 -32.84 9.57 8.24
CA ASP A 289 -33.71 9.63 9.42
C ASP A 289 -33.38 10.87 10.26
N PRO A 290 -34.39 11.65 10.69
CA PRO A 290 -34.07 12.83 11.51
C PRO A 290 -33.76 12.42 12.94
N VAL A 291 -32.59 12.83 13.43
CA VAL A 291 -32.19 12.51 14.79
C VAL A 291 -31.42 13.69 15.38
N PRO A 292 -31.72 14.07 16.62
CA PRO A 292 -31.01 15.19 17.26
C PRO A 292 -29.69 14.62 17.77
N ILE A 293 -28.58 15.06 17.20
CA ILE A 293 -27.27 14.56 17.57
C ILE A 293 -26.39 15.47 18.39
N ASP A 294 -25.98 15.01 19.57
CA ASP A 294 -25.09 15.77 20.40
C ASP A 294 -23.77 14.99 20.44
N VAL A 295 -22.71 15.61 20.97
CA VAL A 295 -21.40 14.99 21.01
C VAL A 295 -20.77 15.07 22.40
N VAL A 296 -20.17 13.98 22.84
CA VAL A 296 -19.50 13.97 24.14
C VAL A 296 -18.12 14.64 23.98
N VAL A 297 -17.90 15.74 24.68
CA VAL A 297 -16.62 16.42 24.58
C VAL A 297 -15.70 16.21 25.79
N ASP A 298 -16.25 15.70 26.87
CA ASP A 298 -15.47 15.45 28.08
C ASP A 298 -14.47 14.32 27.92
N LYS A 299 -13.38 14.40 28.68
CA LYS A 299 -12.33 13.39 28.65
C LYS A 299 -12.76 12.15 29.43
N GLN A 300 -13.75 11.44 28.91
CA GLN A 300 -14.28 10.22 29.50
C GLN A 300 -14.07 9.10 28.48
N PRO A 301 -14.31 7.84 28.88
CA PRO A 301 -14.12 6.75 27.92
C PRO A 301 -14.91 6.90 26.63
N ASN A 302 -16.04 7.60 26.68
CA ASN A 302 -16.88 7.79 25.49
C ASN A 302 -16.69 9.15 24.80
N GLU A 303 -15.55 9.76 25.04
CA GLU A 303 -15.23 11.06 24.43
C GLU A 303 -15.38 10.90 22.92
N GLY A 304 -16.08 11.84 22.28
CA GLY A 304 -16.23 11.76 20.83
C GLY A 304 -17.46 11.00 20.38
N ALA A 305 -18.21 10.44 21.32
CA ALA A 305 -19.40 9.70 20.94
C ALA A 305 -20.49 10.65 20.43
N THR A 306 -21.22 10.20 19.41
CA THR A 306 -22.34 10.96 18.89
C THR A 306 -23.55 10.30 19.52
N VAL A 307 -24.28 11.07 20.32
CA VAL A 307 -25.44 10.54 21.02
C VAL A 307 -26.73 11.29 20.73
N ARG A 308 -27.83 10.57 20.84
CA ARG A 308 -29.15 11.17 20.66
C ARG A 308 -29.36 12.05 21.89
N THR A 309 -30.00 13.20 21.71
CA THR A 309 -30.29 14.07 22.84
C THR A 309 -31.76 14.39 22.83
N ASP A 310 -32.36 14.44 24.02
CA ASP A 310 -33.78 14.75 24.12
C ASP A 310 -33.98 16.24 24.44
N ALA A 311 -32.90 17.00 24.41
CA ALA A 311 -32.98 18.43 24.73
C ALA A 311 -34.02 19.14 23.87
N GLU A 312 -34.84 19.96 24.50
CA GLU A 312 -35.87 20.69 23.78
C GLU A 312 -35.25 21.57 22.71
N ASN A 313 -35.91 21.64 21.57
CA ASN A 313 -35.49 22.47 20.45
C ASN A 313 -34.14 22.13 19.82
N TYR A 314 -33.54 21.00 20.20
CA TYR A 314 -32.26 20.66 19.58
C TYR A 314 -32.44 20.40 18.07
N PRO A 315 -31.53 20.94 17.23
CA PRO A 315 -31.66 20.74 15.78
C PRO A 315 -31.49 19.29 15.31
N LEU A 316 -32.18 18.97 14.23
CA LEU A 316 -32.13 17.63 13.66
C LEU A 316 -31.02 17.48 12.66
N THR A 317 -30.49 16.26 12.61
CA THR A 317 -29.46 15.87 11.66
C THR A 317 -30.11 14.72 10.90
N PHE A 318 -29.89 14.66 9.60
CA PHE A 318 -30.48 13.60 8.83
C PHE A 318 -29.46 12.49 8.66
N VAL A 319 -29.70 11.39 9.39
CA VAL A 319 -28.81 10.23 9.43
C VAL A 319 -29.16 9.22 8.36
N ALA A 320 -28.16 8.88 7.56
CA ALA A 320 -28.36 7.95 6.44
C ALA A 320 -28.73 6.56 6.88
N ARG A 321 -29.56 5.90 6.07
CA ARG A 321 -29.96 4.53 6.35
C ARG A 321 -30.04 3.72 5.07
N ASN A 322 -29.76 2.44 5.21
CA ASN A 322 -29.87 1.46 4.11
C ASN A 322 -29.31 1.92 2.78
N PRO A 323 -28.01 2.24 2.74
CA PRO A 323 -27.43 2.69 1.47
C PRO A 323 -27.59 1.65 0.35
N GLU A 324 -27.84 2.16 -0.85
CA GLU A 324 -27.99 1.33 -2.03
C GLU A 324 -26.58 0.88 -2.43
N ALA A 325 -26.17 -0.23 -1.86
CA ALA A 325 -24.83 -0.77 -2.10
C ALA A 325 -24.47 -0.99 -3.56
N GLU A 326 -25.33 -1.71 -4.28
CA GLU A 326 -25.10 -2.00 -5.69
C GLU A 326 -25.00 -0.73 -6.55
N PHE A 327 -25.92 0.20 -6.33
CA PHE A 327 -25.94 1.46 -7.04
C PHE A 327 -24.58 2.18 -6.80
N PHE A 328 -24.15 2.20 -5.55
CA PHE A 328 -22.89 2.85 -5.19
C PHE A 328 -21.70 2.17 -5.85
N LEU A 329 -21.63 0.84 -5.76
CA LEU A 329 -20.51 0.10 -6.35
C LEU A 329 -20.43 0.33 -7.87
N ASP A 330 -21.58 0.36 -8.52
CA ASP A 330 -21.60 0.62 -9.95
C ASP A 330 -21.18 2.05 -10.26
N MET A 331 -21.63 3.00 -9.46
CA MET A 331 -21.28 4.41 -9.68
C MET A 331 -19.76 4.54 -9.63
N LEU A 332 -19.14 3.95 -8.62
CA LEU A 332 -17.70 4.04 -8.47
C LEU A 332 -16.95 3.41 -9.65
N LEU A 333 -17.38 2.22 -10.09
CA LEU A 333 -16.70 1.58 -11.22
C LEU A 333 -16.81 2.44 -12.46
N ARG A 334 -17.99 2.98 -12.69
CA ARG A 334 -18.22 3.85 -13.86
C ARG A 334 -17.45 5.16 -13.75
N SER A 335 -17.43 5.73 -12.56
CA SER A 335 -16.74 6.99 -12.37
C SER A 335 -15.26 6.81 -12.61
N ALA A 336 -14.72 5.64 -12.28
CA ALA A 336 -13.30 5.35 -12.46
C ALA A 336 -12.93 5.15 -13.93
N ARG A 337 -13.91 5.33 -14.82
CA ARG A 337 -13.67 5.24 -16.27
C ARG A 337 -13.71 6.66 -16.87
N ALA A 338 -13.72 7.69 -16.02
CA ALA A 338 -13.77 9.07 -16.51
C ALA A 338 -12.50 9.38 -17.30
N CYS A 339 -11.38 8.78 -16.90
CA CYS A 339 -10.10 8.90 -17.57
C CYS A 339 -9.13 7.91 -16.92
N SER B 13 24.12 -16.99 -23.58
CA SER B 13 23.00 -17.91 -23.26
C SER B 13 22.56 -17.74 -21.81
N ALA B 14 21.29 -17.44 -21.60
CA ALA B 14 20.73 -17.26 -20.25
C ALA B 14 21.07 -18.47 -19.38
N LYS B 15 21.06 -18.28 -18.07
CA LYS B 15 21.34 -19.35 -17.14
C LYS B 15 20.09 -19.68 -16.33
N ASN B 16 19.94 -20.92 -15.90
CA ASN B 16 18.78 -21.34 -15.13
C ASN B 16 18.80 -20.72 -13.75
N VAL B 17 17.62 -20.25 -13.31
CA VAL B 17 17.47 -19.64 -12.00
C VAL B 17 16.14 -20.01 -11.34
N VAL B 18 16.18 -20.22 -10.04
CA VAL B 18 14.98 -20.49 -9.29
C VAL B 18 14.91 -19.41 -8.21
N LEU B 19 13.74 -18.79 -8.05
CA LEU B 19 13.56 -17.78 -7.01
C LEU B 19 12.90 -18.42 -5.79
N ASP B 20 13.57 -18.31 -4.65
CA ASP B 20 13.12 -18.87 -3.37
C ASP B 20 12.82 -17.62 -2.53
N HIS B 21 11.55 -17.25 -2.44
CA HIS B 21 11.18 -16.00 -1.77
C HIS B 21 10.11 -16.11 -0.71
N ASP B 22 9.89 -15.00 0.01
CA ASP B 22 8.85 -15.03 1.02
C ASP B 22 7.76 -13.97 0.89
N GLY B 23 7.46 -13.67 -0.37
CA GLY B 23 6.36 -12.80 -0.74
C GLY B 23 6.15 -11.40 -0.23
N ASN B 24 7.21 -10.68 0.11
CA ASN B 24 6.98 -9.31 0.53
C ASN B 24 7.23 -8.42 -0.69
N LEU B 25 6.98 -7.13 -0.56
CA LEU B 25 7.16 -6.26 -1.72
C LEU B 25 8.52 -6.40 -2.37
N ASP B 26 9.58 -6.47 -1.55
CA ASP B 26 10.91 -6.58 -2.13
C ASP B 26 11.16 -7.87 -2.88
N ASP B 27 10.52 -8.96 -2.45
CA ASP B 27 10.66 -10.23 -3.15
C ASP B 27 10.06 -10.14 -4.54
N PHE B 28 8.95 -9.40 -4.66
CA PHE B 28 8.31 -9.23 -5.96
C PHE B 28 9.10 -8.31 -6.88
N VAL B 29 9.82 -7.34 -6.30
CA VAL B 29 10.65 -6.49 -7.14
C VAL B 29 11.80 -7.40 -7.65
N ALA B 30 12.29 -8.29 -6.79
CA ALA B 30 13.35 -9.21 -7.20
C ALA B 30 12.84 -10.13 -8.31
N MET B 31 11.61 -10.58 -8.18
CA MET B 31 11.03 -11.43 -9.20
C MET B 31 11.00 -10.71 -10.56
N VAL B 32 10.56 -9.46 -10.56
CA VAL B 32 10.50 -8.71 -11.81
C VAL B 32 11.89 -8.56 -12.43
N LEU B 33 12.90 -8.32 -11.61
CA LEU B 33 14.26 -8.20 -12.14
C LEU B 33 14.70 -9.52 -12.79
N LEU B 34 14.50 -10.63 -12.12
CA LEU B 34 14.91 -11.90 -12.69
C LEU B 34 14.16 -12.19 -13.97
N ALA B 35 12.84 -12.11 -13.88
CA ALA B 35 11.97 -12.43 -15.01
C ALA B 35 12.14 -11.54 -16.23
N SER B 36 12.32 -10.24 -16.01
CA SER B 36 12.41 -9.33 -17.14
C SER B 36 13.69 -9.45 -17.94
N ASN B 37 14.77 -9.90 -17.31
CA ASN B 37 16.05 -10.03 -17.99
C ASN B 37 16.26 -11.39 -18.63
N THR B 38 15.43 -11.69 -19.61
CA THR B 38 15.47 -12.99 -20.31
C THR B 38 16.78 -13.31 -21.05
N GLU B 39 17.59 -12.31 -21.35
CA GLU B 39 18.85 -12.59 -22.03
C GLU B 39 19.86 -13.19 -21.06
N LYS B 40 19.73 -12.85 -19.79
CA LYS B 40 20.68 -13.34 -18.80
C LYS B 40 20.10 -14.41 -17.88
N VAL B 41 18.79 -14.40 -17.73
CA VAL B 41 18.13 -15.31 -16.81
C VAL B 41 16.98 -16.10 -17.38
N ARG B 42 17.00 -17.41 -17.18
CA ARG B 42 15.92 -18.29 -17.59
C ARG B 42 15.31 -18.68 -16.24
N LEU B 43 14.17 -18.08 -15.91
CA LEU B 43 13.51 -18.35 -14.64
C LEU B 43 12.74 -19.66 -14.80
N ILE B 44 13.25 -20.72 -14.19
CA ILE B 44 12.62 -22.03 -14.32
C ILE B 44 11.69 -22.44 -13.20
N GLY B 45 11.54 -21.58 -12.20
CA GLY B 45 10.63 -21.92 -11.13
C GLY B 45 10.73 -20.94 -9.98
N ALA B 46 9.76 -21.02 -9.08
CA ALA B 46 9.77 -20.17 -7.91
C ALA B 46 9.02 -20.86 -6.79
N LEU B 47 9.39 -20.55 -5.56
CA LEU B 47 8.68 -21.10 -4.43
C LEU B 47 8.46 -19.96 -3.44
N CYS B 48 7.39 -20.07 -2.67
CA CYS B 48 7.04 -19.06 -1.70
C CYS B 48 6.98 -19.65 -0.33
N THR B 49 7.58 -18.96 0.64
CA THR B 49 7.60 -19.40 2.03
C THR B 49 6.76 -18.48 2.89
N ASP B 50 6.08 -19.08 3.87
CA ASP B 50 5.20 -18.41 4.81
C ASP B 50 5.94 -17.66 5.92
N ALA B 51 6.89 -16.81 5.52
CA ALA B 51 7.70 -16.04 6.47
C ALA B 51 7.26 -14.59 6.50
N ASP B 52 7.83 -13.78 5.60
CA ASP B 52 7.50 -12.36 5.54
C ASP B 52 6.29 -12.16 4.63
N CYS B 53 5.32 -13.06 4.74
CA CYS B 53 4.09 -13.01 3.95
C CYS B 53 3.21 -14.17 4.37
N PHE B 54 1.97 -14.16 3.89
CA PHE B 54 1.03 -15.25 4.12
C PHE B 54 1.22 -16.00 2.80
N VAL B 55 1.75 -17.22 2.86
CA VAL B 55 2.03 -17.98 1.66
C VAL B 55 0.96 -18.09 0.56
N GLU B 56 -0.31 -18.15 0.92
CA GLU B 56 -1.34 -18.25 -0.12
C GLU B 56 -1.34 -16.97 -0.96
N ASN B 57 -1.14 -15.83 -0.30
CA ASN B 57 -1.11 -14.55 -1.03
C ASN B 57 0.16 -14.44 -1.84
N GLY B 58 1.27 -14.86 -1.26
CA GLY B 58 2.54 -14.79 -1.97
C GLY B 58 2.49 -15.67 -3.22
N PHE B 59 1.82 -16.81 -3.07
CA PHE B 59 1.65 -17.76 -4.17
C PHE B 59 0.85 -17.11 -5.31
N ASN B 60 -0.30 -16.56 -4.97
CA ASN B 60 -1.14 -15.95 -5.98
C ASN B 60 -0.50 -14.76 -6.68
N VAL B 61 0.20 -13.93 -5.91
CA VAL B 61 0.83 -12.77 -6.52
C VAL B 61 1.96 -13.25 -7.45
N THR B 62 2.70 -14.27 -7.06
CA THR B 62 3.75 -14.78 -7.93
C THR B 62 3.08 -15.25 -9.24
N GLY B 63 1.97 -15.97 -9.10
CA GLY B 63 1.25 -16.45 -10.27
C GLY B 63 0.74 -15.32 -11.16
N LYS B 64 0.15 -14.32 -10.55
CA LYS B 64 -0.39 -13.20 -11.33
C LYS B 64 0.70 -12.39 -12.03
N ILE B 65 1.86 -12.25 -11.40
CA ILE B 65 2.93 -11.52 -12.04
C ILE B 65 3.45 -12.34 -13.21
N MET B 66 3.67 -13.64 -12.98
CA MET B 66 4.17 -14.50 -14.06
C MET B 66 3.24 -14.47 -15.30
N CYS B 67 1.94 -14.59 -15.08
CA CYS B 67 1.00 -14.59 -16.21
C CYS B 67 0.97 -13.25 -16.93
N LEU B 68 1.02 -12.16 -16.16
CA LEU B 68 1.04 -10.83 -16.75
C LEU B 68 2.24 -10.74 -17.69
N MET B 69 3.38 -11.22 -17.22
CA MET B 69 4.59 -11.18 -18.01
C MET B 69 4.56 -12.13 -19.19
N HIS B 70 3.94 -13.29 -19.00
CA HIS B 70 3.88 -14.26 -20.09
C HIS B 70 3.08 -13.66 -21.23
N ASN B 71 1.95 -13.02 -20.91
CA ASN B 71 1.08 -12.44 -21.93
C ASN B 71 1.57 -11.13 -22.54
N ASN B 72 2.58 -10.51 -21.93
CA ASN B 72 3.06 -9.23 -22.43
C ASN B 72 4.52 -9.14 -22.85
N MET B 73 5.29 -10.19 -22.62
CA MET B 73 6.68 -10.19 -23.05
C MET B 73 7.14 -11.59 -23.37
N ASN B 74 6.18 -12.51 -23.45
CA ASN B 74 6.48 -13.88 -23.81
C ASN B 74 7.37 -14.63 -22.83
N LEU B 75 7.34 -14.24 -21.57
CA LEU B 75 8.13 -14.93 -20.54
C LEU B 75 7.59 -16.35 -20.41
N PRO B 76 8.44 -17.38 -20.58
CA PRO B 76 7.91 -18.75 -20.46
C PRO B 76 7.33 -19.02 -19.08
N LEU B 77 6.23 -19.75 -19.04
CA LEU B 77 5.61 -20.10 -17.75
C LEU B 77 6.54 -21.08 -17.00
N PHE B 78 6.40 -21.11 -15.68
CA PHE B 78 7.19 -22.00 -14.84
C PHE B 78 6.42 -22.45 -13.62
N PRO B 79 6.85 -23.55 -12.97
CA PRO B 79 6.13 -24.01 -11.79
C PRO B 79 6.38 -23.13 -10.58
N ILE B 80 5.36 -23.02 -9.75
CA ILE B 80 5.38 -22.22 -8.54
C ILE B 80 4.91 -23.10 -7.37
N GLY B 81 5.71 -23.19 -6.32
CA GLY B 81 5.33 -24.01 -5.19
C GLY B 81 5.34 -23.36 -3.82
N LYS B 82 4.31 -23.65 -3.04
CA LYS B 82 4.22 -23.14 -1.68
C LYS B 82 5.03 -24.05 -0.78
N SER B 83 6.00 -23.49 -0.05
CA SER B 83 6.83 -24.29 0.83
C SER B 83 6.14 -24.63 2.14
N ALA B 84 6.43 -25.83 2.65
CA ALA B 84 5.87 -26.30 3.91
C ALA B 84 6.74 -25.83 5.08
N ALA B 85 7.82 -25.13 4.79
CA ALA B 85 8.70 -24.66 5.86
C ALA B 85 7.96 -23.89 6.94
N THR B 86 8.34 -24.13 8.20
CA THR B 86 7.74 -23.45 9.34
C THR B 86 8.81 -22.64 10.07
N ALA B 87 8.40 -21.54 10.67
CA ALA B 87 9.31 -20.65 11.38
C ALA B 87 9.87 -21.16 12.69
N VAL B 88 11.12 -20.77 12.99
CA VAL B 88 11.69 -21.07 14.28
C VAL B 88 11.27 -19.82 15.07
N ASN B 89 11.49 -18.62 14.48
CA ASN B 89 11.10 -17.33 15.09
C ASN B 89 10.31 -16.49 14.08
N PRO B 90 8.97 -16.50 14.18
CA PRO B 90 8.06 -15.75 13.28
C PRO B 90 8.32 -14.25 13.04
N PHE B 91 8.11 -13.83 11.79
CA PHE B 91 8.25 -12.41 11.39
C PHE B 91 7.11 -11.66 12.07
N PRO B 92 7.21 -10.29 12.23
CA PRO B 92 6.13 -9.54 12.88
C PRO B 92 4.87 -9.50 12.01
N LYS B 93 3.70 -9.71 12.62
CA LYS B 93 2.43 -9.71 11.90
C LYS B 93 2.24 -8.51 10.99
N GLU B 94 2.77 -7.36 11.40
CA GLU B 94 2.61 -6.12 10.66
C GLU B 94 3.38 -6.01 9.35
N TRP B 95 4.06 -7.08 8.96
CA TRP B 95 4.79 -7.11 7.70
C TRP B 95 3.86 -7.80 6.72
N ARG B 96 3.83 -9.10 6.96
CA ARG B 96 3.18 -10.16 6.25
C ARG B 96 2.04 -10.07 5.36
N CYS B 97 1.26 -9.03 5.59
CA CYS B 97 0.05 -8.73 4.89
C CYS B 97 0.44 -8.34 3.50
N LEU B 98 1.06 -7.17 3.26
CA LEU B 98 1.48 -6.71 1.93
C LEU B 98 1.11 -7.59 0.70
N ALA B 99 1.58 -8.83 0.65
CA ALA B 99 1.27 -9.71 -0.49
C ALA B 99 -0.25 -9.81 -0.66
N LYS B 100 -0.97 -9.76 0.47
CA LYS B 100 -2.42 -9.86 0.47
C LYS B 100 -3.01 -8.72 -0.36
N ASN B 101 -2.60 -7.50 -0.03
CA ASN B 101 -3.12 -6.36 -0.76
C ASN B 101 -2.68 -6.34 -2.21
N MET B 102 -1.45 -6.78 -2.49
CA MET B 102 -0.99 -6.81 -3.87
C MET B 102 -1.83 -7.72 -4.74
N ASP B 103 -2.43 -8.74 -4.13
CA ASP B 103 -3.27 -9.68 -4.88
C ASP B 103 -4.49 -8.96 -5.45
N ASP B 104 -4.84 -7.81 -4.88
CA ASP B 104 -6.01 -7.05 -5.32
C ASP B 104 -5.64 -5.83 -6.16
N MET B 105 -4.34 -5.63 -6.41
CA MET B 105 -3.85 -4.50 -7.22
C MET B 105 -4.39 -4.62 -8.63
N PRO B 106 -4.96 -3.52 -9.18
CA PRO B 106 -5.51 -3.60 -10.54
C PRO B 106 -4.63 -4.14 -11.65
N ILE B 107 -3.36 -3.76 -11.65
CA ILE B 107 -2.46 -4.19 -12.71
C ILE B 107 -2.21 -5.70 -12.69
N LEU B 108 -2.51 -6.36 -11.58
CA LEU B 108 -2.33 -7.81 -11.46
C LEU B 108 -3.66 -8.55 -11.64
N ASN B 109 -4.70 -7.82 -12.02
CA ASN B 109 -6.01 -8.45 -12.17
C ASN B 109 -6.65 -8.15 -13.52
N ILE B 110 -5.81 -8.02 -14.54
CA ILE B 110 -6.31 -7.79 -15.90
C ILE B 110 -6.90 -9.15 -16.32
N PRO B 111 -8.16 -9.17 -16.82
CA PRO B 111 -8.77 -10.44 -17.22
C PRO B 111 -7.97 -11.49 -18.00
N GLU B 112 -7.31 -11.09 -19.08
CA GLU B 112 -6.54 -12.06 -19.86
C GLU B 112 -5.48 -12.76 -19.02
N ASN B 113 -4.90 -12.02 -18.08
CA ASN B 113 -3.87 -12.60 -17.23
C ASN B 113 -4.43 -13.45 -16.10
N VAL B 114 -5.52 -12.99 -15.50
CA VAL B 114 -6.14 -13.73 -14.42
C VAL B 114 -6.72 -15.05 -14.97
N GLU B 115 -7.26 -14.99 -16.20
CA GLU B 115 -7.84 -16.18 -16.82
C GLU B 115 -6.77 -17.27 -16.98
N LEU B 116 -5.59 -16.85 -17.40
CA LEU B 116 -4.48 -17.78 -17.58
C LEU B 116 -4.04 -18.37 -16.23
N TRP B 117 -3.94 -17.52 -15.22
CA TRP B 117 -3.54 -17.98 -13.90
C TRP B 117 -4.57 -18.97 -13.36
N ASP B 118 -5.86 -18.66 -13.51
CA ASP B 118 -6.91 -19.56 -13.03
C ASP B 118 -6.86 -20.91 -13.76
N LYS B 119 -6.37 -20.90 -15.00
CA LYS B 119 -6.29 -22.14 -15.75
C LYS B 119 -5.14 -23.04 -15.27
N ILE B 120 -4.03 -22.43 -14.88
CA ILE B 120 -2.87 -23.21 -14.45
C ILE B 120 -2.67 -23.25 -12.93
N LYS B 121 -3.55 -22.59 -12.19
CA LYS B 121 -3.48 -22.50 -10.74
C LYS B 121 -3.49 -23.86 -10.05
N ALA B 122 -4.49 -24.67 -10.41
CA ALA B 122 -4.67 -25.98 -9.82
C ALA B 122 -3.43 -26.88 -9.89
N GLU B 123 -2.75 -26.92 -11.02
CA GLU B 123 -1.58 -27.79 -11.09
C GLU B 123 -0.41 -27.25 -10.24
N ASN B 124 -0.30 -25.93 -10.12
CA ASN B 124 0.76 -25.34 -9.31
C ASN B 124 0.49 -25.52 -7.82
N GLU B 125 -0.79 -25.66 -7.47
CA GLU B 125 -1.16 -25.85 -6.07
C GLU B 125 -0.79 -27.27 -5.61
N LYS B 126 -0.44 -28.15 -6.54
CA LYS B 126 -0.07 -29.50 -6.18
C LYS B 126 1.41 -29.60 -5.81
N TYR B 127 2.18 -28.56 -6.11
CA TYR B 127 3.60 -28.59 -5.78
C TYR B 127 3.86 -28.17 -4.35
N GLU B 128 4.87 -28.76 -3.72
CA GLU B 128 5.23 -28.34 -2.39
C GLU B 128 6.60 -27.71 -2.69
N GLY B 129 6.82 -26.49 -2.19
CA GLY B 129 8.02 -25.75 -2.49
C GLY B 129 9.39 -26.38 -2.29
N GLN B 130 9.60 -27.02 -1.15
CA GLN B 130 10.90 -27.64 -0.86
C GLN B 130 11.23 -28.72 -1.87
N GLN B 131 10.27 -29.61 -2.10
CA GLN B 131 10.48 -30.68 -3.07
C GLN B 131 10.65 -30.11 -4.48
N LEU B 132 9.89 -29.06 -4.79
CA LEU B 132 10.00 -28.45 -6.11
C LEU B 132 11.41 -27.90 -6.32
N LEU B 133 11.97 -27.26 -5.29
CA LEU B 133 13.33 -26.72 -5.42
C LEU B 133 14.31 -27.85 -5.68
N ALA B 134 14.19 -28.93 -4.92
CA ALA B 134 15.08 -30.09 -5.08
C ALA B 134 14.96 -30.65 -6.50
N ASP B 135 13.72 -30.85 -6.94
CA ASP B 135 13.51 -31.40 -8.27
C ASP B 135 14.00 -30.51 -9.39
N LEU B 136 13.70 -29.22 -9.34
CA LEU B 136 14.15 -28.33 -10.41
C LEU B 136 15.66 -28.33 -10.51
N VAL B 137 16.33 -28.29 -9.36
CA VAL B 137 17.78 -28.30 -9.39
C VAL B 137 18.34 -29.64 -9.84
N MET B 138 17.83 -30.74 -9.31
CA MET B 138 18.37 -32.04 -9.66
C MET B 138 18.00 -32.58 -11.04
N ASN B 139 16.88 -32.13 -11.60
CA ASN B 139 16.48 -32.63 -12.91
C ASN B 139 16.94 -31.73 -14.07
N SER B 140 17.46 -30.54 -13.76
CA SER B 140 17.90 -29.63 -14.82
C SER B 140 19.13 -30.19 -15.54
N GLU B 141 19.25 -29.91 -16.83
CA GLU B 141 20.40 -30.38 -17.58
C GLU B 141 21.64 -29.57 -17.20
N GLU B 142 21.51 -28.25 -17.12
CA GLU B 142 22.62 -27.38 -16.73
C GLU B 142 22.45 -27.04 -15.24
N LYS B 143 23.48 -26.49 -14.63
CA LYS B 143 23.40 -26.14 -13.21
C LYS B 143 22.35 -25.03 -13.01
N VAL B 144 21.91 -24.87 -11.76
CA VAL B 144 20.88 -23.91 -11.42
C VAL B 144 21.33 -22.92 -10.34
N THR B 145 21.06 -21.64 -10.56
CA THR B 145 21.39 -20.63 -9.55
C THR B 145 20.12 -20.43 -8.73
N ILE B 146 20.28 -20.43 -7.41
CA ILE B 146 19.12 -20.26 -6.54
C ILE B 146 19.25 -18.86 -5.97
N CYS B 147 18.22 -18.03 -6.18
CA CYS B 147 18.21 -16.66 -5.64
C CYS B 147 17.29 -16.75 -4.43
N VAL B 148 17.86 -16.61 -3.24
CA VAL B 148 17.10 -16.73 -2.01
C VAL B 148 16.85 -15.37 -1.43
N THR B 149 15.57 -14.99 -1.36
CA THR B 149 15.22 -13.68 -0.82
C THR B 149 14.38 -13.79 0.46
N GLY B 150 14.18 -15.01 0.93
CA GLY B 150 13.49 -15.24 2.18
C GLY B 150 14.44 -16.07 3.05
N PRO B 151 13.93 -16.72 4.10
CA PRO B 151 14.76 -17.54 4.98
C PRO B 151 15.40 -18.71 4.22
N LEU B 152 16.44 -19.30 4.80
CA LEU B 152 17.16 -20.39 4.13
C LEU B 152 16.65 -21.82 4.37
N SER B 153 15.44 -21.92 4.91
CA SER B 153 14.81 -23.19 5.24
C SER B 153 14.70 -24.18 4.08
N ASN B 154 14.42 -23.68 2.88
CA ASN B 154 14.25 -24.59 1.76
C ASN B 154 15.56 -25.13 1.21
N VAL B 155 16.57 -24.28 1.11
CA VAL B 155 17.85 -24.75 0.62
C VAL B 155 18.39 -25.74 1.66
N ALA B 156 18.19 -25.43 2.95
CA ALA B 156 18.65 -26.31 4.02
C ALA B 156 17.96 -27.68 3.93
N TRP B 157 16.66 -27.68 3.66
CA TRP B 157 15.93 -28.93 3.55
C TRP B 157 16.55 -29.77 2.41
N CYS B 158 16.80 -29.13 1.27
CA CYS B 158 17.40 -29.84 0.14
C CYS B 158 18.77 -30.41 0.49
N ILE B 159 19.56 -29.64 1.21
CA ILE B 159 20.90 -30.10 1.60
C ILE B 159 20.78 -31.31 2.53
N ASP B 160 19.92 -31.16 3.54
CA ASP B 160 19.74 -32.22 4.51
C ASP B 160 19.20 -33.51 3.89
N LYS B 161 18.24 -33.38 2.98
CA LYS B 161 17.62 -34.56 2.39
C LYS B 161 18.33 -35.15 1.17
N TYR B 162 18.98 -34.33 0.34
CA TYR B 162 19.66 -34.86 -0.84
C TYR B 162 21.18 -34.68 -0.86
N GLY B 163 21.70 -33.88 0.07
CA GLY B 163 23.14 -33.68 0.14
C GLY B 163 23.85 -33.34 -1.15
N GLU B 164 24.99 -34.00 -1.37
CA GLU B 164 25.83 -33.76 -2.55
C GLU B 164 25.11 -33.94 -3.88
N LYS B 165 24.09 -34.79 -3.90
CA LYS B 165 23.33 -35.02 -5.12
C LYS B 165 22.55 -33.76 -5.51
N PHE B 166 22.29 -32.92 -4.51
CA PHE B 166 21.59 -31.66 -4.76
C PHE B 166 22.60 -30.53 -4.98
N THR B 167 23.53 -30.36 -4.05
CA THR B 167 24.49 -29.28 -4.15
C THR B 167 25.36 -29.31 -5.40
N SER B 168 25.65 -30.51 -5.92
CA SER B 168 26.48 -30.62 -7.12
C SER B 168 25.81 -30.02 -8.34
N LYS B 169 24.49 -29.85 -8.27
CA LYS B 169 23.73 -29.29 -9.38
C LYS B 169 23.50 -27.79 -9.23
N VAL B 170 23.93 -27.22 -8.10
CA VAL B 170 23.75 -25.78 -7.87
C VAL B 170 24.93 -24.98 -8.40
N GLU B 171 24.65 -23.99 -9.25
CA GLU B 171 25.69 -23.14 -9.78
C GLU B 171 26.21 -22.33 -8.59
N GLU B 172 25.27 -21.66 -7.94
CA GLU B 172 25.58 -20.88 -6.74
C GLU B 172 24.26 -20.44 -6.13
N CYS B 173 24.31 -20.12 -4.83
CA CYS B 173 23.19 -19.61 -4.08
C CYS B 173 23.51 -18.15 -3.88
N VAL B 174 22.59 -17.26 -4.27
CA VAL B 174 22.79 -15.82 -4.07
C VAL B 174 21.71 -15.53 -3.05
N ILE B 175 22.16 -15.15 -1.87
CA ILE B 175 21.32 -15.02 -0.70
C ILE B 175 21.20 -13.64 -0.10
N MET B 176 19.97 -13.24 0.19
CA MET B 176 19.77 -11.97 0.89
C MET B 176 19.65 -12.39 2.35
N GLY B 177 20.60 -11.99 3.18
CA GLY B 177 20.50 -12.34 4.58
C GLY B 177 21.77 -12.06 5.35
N GLY B 178 21.60 -11.89 6.65
CA GLY B 178 22.76 -11.69 7.50
C GLY B 178 23.24 -10.28 7.69
N ALA B 179 24.26 -10.14 8.53
CA ALA B 179 24.87 -8.85 8.84
C ALA B 179 26.21 -9.29 9.42
N VAL B 180 27.30 -8.91 8.75
CA VAL B 180 28.62 -9.35 9.15
C VAL B 180 29.40 -8.38 10.01
N ASP B 181 29.71 -7.21 9.47
CA ASP B 181 30.46 -6.21 10.21
C ASP B 181 29.64 -4.98 10.53
N VAL B 182 28.32 -5.11 10.41
CA VAL B 182 27.41 -4.04 10.76
C VAL B 182 26.32 -4.68 11.63
N ARG B 183 25.54 -3.85 12.29
CA ARG B 183 24.45 -4.31 13.14
C ARG B 183 23.37 -4.96 12.28
N GLY B 184 22.52 -5.78 12.90
CA GLY B 184 21.44 -6.42 12.18
C GLY B 184 20.20 -5.55 12.22
N ASN B 185 19.04 -6.16 12.08
CA ASN B 185 17.77 -5.44 12.12
C ASN B 185 16.69 -6.15 12.95
N VAL B 186 17.07 -7.12 13.77
CA VAL B 186 16.13 -7.83 14.65
C VAL B 186 16.27 -7.18 16.03
N PHE B 187 15.34 -6.25 16.29
CA PHE B 187 15.32 -5.47 17.52
C PHE B 187 14.12 -5.88 18.35
N LEU B 188 14.36 -6.77 19.31
CA LEU B 188 13.32 -7.28 20.19
C LEU B 188 13.83 -7.14 21.60
N PRO B 189 12.93 -7.21 22.59
CA PRO B 189 13.37 -7.08 23.98
C PRO B 189 14.46 -8.08 24.37
N SER B 190 14.41 -9.27 23.75
CA SER B 190 15.35 -10.33 24.07
C SER B 190 16.57 -10.45 23.16
N THR B 191 16.72 -9.56 22.19
CA THR B 191 17.86 -9.64 21.29
C THR B 191 18.80 -8.45 21.42
N ASP B 192 20.00 -8.56 20.84
CA ASP B 192 20.97 -7.47 20.93
C ASP B 192 21.10 -6.64 19.66
N GLY B 193 20.22 -6.93 18.69
CA GLY B 193 20.22 -6.23 17.44
C GLY B 193 21.29 -6.58 16.42
N THR B 194 22.02 -7.68 16.64
CA THR B 194 23.06 -8.06 15.69
C THR B 194 22.63 -9.05 14.62
N ALA B 195 21.41 -9.57 14.75
CA ALA B 195 20.91 -10.55 13.78
C ALA B 195 20.01 -9.91 12.73
N GLU B 196 19.94 -10.52 11.54
CA GLU B 196 19.09 -10.04 10.46
C GLU B 196 17.90 -10.98 10.36
N TRP B 197 16.74 -10.44 9.96
CA TRP B 197 15.50 -11.21 9.93
C TRP B 197 15.41 -12.52 9.16
N ASN B 198 15.93 -12.57 7.94
CA ASN B 198 15.84 -13.82 7.20
C ASN B 198 16.58 -14.95 7.89
N ILE B 199 17.70 -14.62 8.52
CA ILE B 199 18.46 -15.65 9.22
C ILE B 199 17.78 -15.98 10.54
N TYR B 200 17.36 -14.94 11.27
CA TYR B 200 16.69 -15.10 12.55
C TYR B 200 15.41 -15.95 12.46
N TRP B 201 14.75 -15.94 11.30
CA TRP B 201 13.51 -16.70 11.12
C TRP B 201 13.77 -18.20 11.28
N ASP B 202 14.94 -18.64 10.85
CA ASP B 202 15.32 -20.06 10.96
C ASP B 202 16.83 -20.16 10.99
N PRO B 203 17.43 -19.97 12.17
CA PRO B 203 18.89 -20.02 12.34
C PRO B 203 19.53 -21.36 11.96
N ALA B 204 18.95 -22.46 12.41
CA ALA B 204 19.52 -23.77 12.11
C ALA B 204 19.60 -24.03 10.61
N SER B 205 18.57 -23.65 9.87
CA SER B 205 18.61 -23.87 8.43
C SER B 205 19.73 -23.03 7.81
N ALA B 206 19.86 -21.79 8.30
CA ALA B 206 20.91 -20.92 7.80
C ALA B 206 22.28 -21.51 8.11
N LYS B 207 22.44 -22.06 9.30
CA LYS B 207 23.72 -22.65 9.68
C LYS B 207 24.06 -23.80 8.74
N THR B 208 23.08 -24.63 8.43
CA THR B 208 23.30 -25.74 7.50
C THR B 208 23.79 -25.22 6.14
N VAL B 209 23.15 -24.18 5.64
CA VAL B 209 23.53 -23.64 4.35
C VAL B 209 24.93 -23.01 4.35
N PHE B 210 25.22 -22.17 5.34
CA PHE B 210 26.53 -21.51 5.36
C PHE B 210 27.69 -22.40 5.68
N GLY B 211 27.43 -23.55 6.29
CA GLY B 211 28.53 -24.46 6.60
C GLY B 211 28.65 -25.60 5.62
N CYS B 212 27.77 -25.61 4.61
CA CYS B 212 27.80 -26.69 3.64
C CYS B 212 29.01 -26.69 2.72
N PRO B 213 29.75 -27.80 2.66
CA PRO B 213 30.91 -27.82 1.77
C PRO B 213 30.41 -28.03 0.34
N GLY B 214 31.23 -27.67 -0.64
CA GLY B 214 30.82 -27.90 -2.03
C GLY B 214 29.64 -27.09 -2.54
N LEU B 215 29.34 -25.98 -1.87
CA LEU B 215 28.24 -25.12 -2.31
C LEU B 215 28.77 -23.72 -2.39
N ARG B 216 28.62 -23.07 -3.54
CA ARG B 216 29.11 -21.71 -3.69
C ARG B 216 27.99 -20.79 -3.21
N ARG B 217 28.34 -19.85 -2.35
CA ARG B 217 27.36 -18.90 -1.82
C ARG B 217 27.79 -17.45 -2.00
N ILE B 218 26.87 -16.64 -2.53
CA ILE B 218 27.10 -15.19 -2.64
C ILE B 218 26.12 -14.62 -1.60
N MET B 219 26.62 -13.79 -0.68
CA MET B 219 25.78 -13.29 0.41
C MET B 219 25.59 -11.77 0.39
N PHE B 220 24.36 -11.32 0.21
CA PHE B 220 24.07 -9.91 0.29
C PHE B 220 23.54 -9.71 1.70
N SER B 221 24.46 -9.36 2.60
CA SER B 221 24.11 -9.09 3.99
C SER B 221 23.82 -7.60 4.12
N LEU B 222 23.39 -7.16 5.31
CA LEU B 222 23.09 -5.75 5.44
C LEU B 222 24.28 -4.84 5.14
N ASP B 223 25.49 -5.36 5.28
CA ASP B 223 26.71 -4.60 5.01
C ASP B 223 26.60 -3.91 3.65
N SER B 224 26.07 -4.63 2.68
CA SER B 224 25.91 -4.10 1.33
C SER B 224 24.53 -3.50 1.05
N THR B 225 23.47 -4.16 1.49
CA THR B 225 22.14 -3.65 1.19
C THR B 225 21.85 -2.30 1.85
N ASN B 226 22.51 -2.01 2.96
CA ASN B 226 22.32 -0.74 3.66
C ASN B 226 22.72 0.45 2.81
N THR B 227 23.60 0.21 1.84
CA THR B 227 24.11 1.32 1.04
C THR B 227 23.21 1.75 -0.09
N VAL B 228 22.08 1.08 -0.26
CA VAL B 228 21.14 1.41 -1.32
C VAL B 228 19.69 1.51 -0.78
N PRO B 229 19.40 2.61 -0.04
CA PRO B 229 18.05 2.84 0.54
C PRO B 229 16.97 3.21 -0.50
N VAL B 230 15.71 2.97 -0.17
CA VAL B 230 14.59 3.29 -1.06
C VAL B 230 14.14 4.72 -0.79
N ARG B 231 14.45 5.62 -1.72
CA ARG B 231 14.10 7.05 -1.60
C ARG B 231 12.97 7.48 -2.56
N SER B 232 12.12 8.38 -2.07
CA SER B 232 10.97 8.85 -2.85
C SER B 232 11.27 9.37 -4.26
N PRO B 233 12.26 10.27 -4.42
CA PRO B 233 12.52 10.77 -5.78
C PRO B 233 12.77 9.66 -6.81
N TYR B 234 13.58 8.66 -6.43
CA TYR B 234 13.84 7.58 -7.38
C TYR B 234 12.55 6.80 -7.65
N VAL B 235 11.82 6.50 -6.59
CA VAL B 235 10.57 5.76 -6.77
C VAL B 235 9.63 6.52 -7.69
N GLN B 236 9.55 7.84 -7.54
CA GLN B 236 8.65 8.63 -8.41
C GLN B 236 9.02 8.56 -9.90
N ARG B 237 10.27 8.19 -10.18
CA ARG B 237 10.71 8.08 -11.56
C ARG B 237 9.96 6.99 -12.31
N PHE B 238 9.34 6.05 -11.59
CA PHE B 238 8.59 5.04 -12.32
C PHE B 238 7.37 5.68 -12.96
N GLY B 239 7.03 6.88 -12.50
CA GLY B 239 5.91 7.61 -13.06
C GLY B 239 6.22 8.06 -14.48
N GLU B 240 7.49 7.99 -14.87
CA GLU B 240 7.91 8.37 -16.23
C GLU B 240 7.57 7.23 -17.18
N GLN B 241 7.26 6.07 -16.62
CA GLN B 241 7.06 4.85 -17.40
C GLN B 241 5.72 4.16 -17.20
N THR B 242 4.64 4.92 -17.02
CA THR B 242 3.36 4.29 -16.74
C THR B 242 2.74 3.55 -17.90
N ASN B 243 3.34 3.68 -19.09
CA ASN B 243 2.83 2.94 -20.24
C ASN B 243 3.35 1.50 -20.13
N PHE B 244 4.24 1.24 -19.18
CA PHE B 244 4.77 -0.10 -18.95
C PHE B 244 4.13 -0.72 -17.73
N LEU B 245 3.54 -1.89 -17.90
CA LEU B 245 2.90 -2.56 -16.80
C LEU B 245 3.83 -2.80 -15.61
N LEU B 246 5.08 -3.18 -15.91
CA LEU B 246 6.02 -3.47 -14.84
C LEU B 246 6.46 -2.26 -14.05
N SER B 247 6.36 -1.08 -14.66
CA SER B 247 6.74 0.15 -13.96
C SER B 247 5.60 0.54 -13.03
N ILE B 248 4.37 0.34 -13.48
CA ILE B 248 3.24 0.60 -12.61
C ILE B 248 3.40 -0.36 -11.42
N LEU B 249 3.70 -1.62 -11.71
CA LEU B 249 3.87 -2.63 -10.66
C LEU B 249 5.00 -2.31 -9.68
N VAL B 250 6.22 -2.12 -10.18
CA VAL B 250 7.34 -1.85 -9.28
C VAL B 250 7.19 -0.55 -8.52
N GLY B 251 6.80 0.50 -9.24
CA GLY B 251 6.63 1.78 -8.59
C GLY B 251 5.63 1.73 -7.47
N THR B 252 4.52 1.03 -7.70
CA THR B 252 3.49 0.91 -6.69
C THR B 252 4.02 0.17 -5.47
N MET B 253 4.74 -0.92 -5.72
CA MET B 253 5.28 -1.67 -4.61
C MET B 253 6.31 -0.89 -3.78
N TRP B 254 7.21 -0.14 -4.43
CA TRP B 254 8.19 0.62 -3.65
C TRP B 254 7.63 1.90 -3.07
N ALA B 255 6.50 2.34 -3.59
CA ALA B 255 5.89 3.55 -3.06
C ALA B 255 5.32 3.20 -1.69
N MET B 256 5.01 1.92 -1.49
CA MET B 256 4.47 1.45 -0.22
C MET B 256 5.58 1.24 0.81
N TYR B 269 13.08 1.06 4.82
CA TYR B 269 13.21 -0.02 3.84
C TYR B 269 14.40 0.20 2.91
N TYR B 270 14.96 -0.91 2.43
CA TYR B 270 16.08 -0.86 1.51
C TYR B 270 15.76 -1.81 0.38
N ALA B 271 16.60 -1.78 -0.66
CA ALA B 271 16.39 -2.67 -1.81
C ALA B 271 17.04 -4.01 -1.51
N TRP B 272 16.81 -4.55 -0.32
CA TRP B 272 17.43 -5.83 0.06
C TRP B 272 17.37 -6.90 -1.01
N ASP B 273 16.17 -7.42 -1.23
CA ASP B 273 15.98 -8.51 -2.19
C ASP B 273 16.25 -8.16 -3.64
N ALA B 274 15.94 -6.93 -4.02
CA ALA B 274 16.16 -6.49 -5.38
C ALA B 274 17.66 -6.49 -5.73
N LEU B 275 18.49 -6.02 -4.81
CA LEU B 275 19.94 -6.04 -5.06
C LEU B 275 20.46 -7.45 -5.27
N THR B 276 19.93 -8.37 -4.48
CA THR B 276 20.34 -9.75 -4.55
C THR B 276 20.01 -10.31 -5.94
N ALA B 277 18.80 -10.07 -6.42
CA ALA B 277 18.41 -10.54 -7.74
C ALA B 277 19.19 -9.81 -8.83
N ALA B 278 19.49 -8.51 -8.60
CA ALA B 278 20.24 -7.75 -9.60
C ALA B 278 21.59 -8.40 -9.86
N TYR B 279 22.23 -8.90 -8.81
CA TYR B 279 23.52 -9.56 -8.94
C TYR B 279 23.39 -10.83 -9.79
N VAL B 280 22.28 -11.53 -9.64
CA VAL B 280 22.06 -12.73 -10.43
C VAL B 280 21.98 -12.33 -11.89
N VAL B 281 21.34 -11.20 -12.17
CA VAL B 281 21.24 -10.71 -13.54
C VAL B 281 22.63 -10.30 -14.07
N ASP B 282 23.39 -9.59 -13.25
CA ASP B 282 24.71 -9.13 -13.66
C ASP B 282 25.60 -8.94 -12.44
N GLN B 283 26.65 -9.76 -12.33
CA GLN B 283 27.56 -9.67 -11.19
C GLN B 283 28.30 -8.35 -11.04
N LYS B 284 28.16 -7.44 -12.02
CA LYS B 284 28.81 -6.13 -11.93
C LYS B 284 28.21 -5.35 -10.76
N VAL B 285 27.05 -5.80 -10.29
CA VAL B 285 26.38 -5.16 -9.17
C VAL B 285 27.28 -5.03 -7.96
N ALA B 286 28.16 -6.00 -7.72
CA ALA B 286 29.02 -5.90 -6.56
C ALA B 286 30.17 -6.88 -6.58
N ASN B 287 31.25 -6.51 -5.91
CA ASN B 287 32.38 -7.40 -5.80
C ASN B 287 32.16 -8.15 -4.49
N VAL B 288 32.95 -9.18 -4.25
CA VAL B 288 32.75 -9.99 -3.06
C VAL B 288 34.03 -10.25 -2.29
N ASP B 289 33.88 -10.57 -1.00
CA ASP B 289 35.04 -10.89 -0.15
C ASP B 289 34.75 -12.24 0.49
N PRO B 290 35.72 -13.16 0.44
CA PRO B 290 35.53 -14.48 1.05
C PRO B 290 35.55 -14.43 2.59
N VAL B 291 34.50 -14.96 3.21
CA VAL B 291 34.39 -14.95 4.68
C VAL B 291 33.81 -16.28 5.14
N PRO B 292 34.39 -16.91 6.18
CA PRO B 292 33.84 -18.19 6.66
C PRO B 292 32.71 -17.79 7.61
N ILE B 293 31.47 -18.15 7.27
CA ILE B 293 30.30 -17.71 8.07
C ILE B 293 29.60 -18.82 8.82
N ASP B 294 29.47 -18.65 10.14
CA ASP B 294 28.73 -19.59 10.97
C ASP B 294 27.51 -18.79 11.43
N VAL B 295 26.51 -19.49 11.97
CA VAL B 295 25.29 -18.84 12.43
C VAL B 295 25.03 -19.26 13.86
N VAL B 296 24.69 -18.29 14.70
CA VAL B 296 24.40 -18.59 16.11
C VAL B 296 23.00 -19.18 16.19
N VAL B 297 22.90 -20.40 16.72
CA VAL B 297 21.61 -21.05 16.84
C VAL B 297 21.11 -21.19 18.29
N ASP B 298 22.01 -21.04 19.26
CA ASP B 298 21.60 -21.11 20.66
C ASP B 298 20.69 -19.92 20.97
N LYS B 299 19.86 -20.07 21.99
CA LYS B 299 18.93 -19.02 22.37
C LYS B 299 19.68 -17.97 23.19
N GLN B 300 20.46 -17.17 22.49
CA GLN B 300 21.25 -16.08 23.06
C GLN B 300 20.67 -14.78 22.50
N PRO B 301 21.10 -13.63 23.03
CA PRO B 301 20.58 -12.35 22.53
C PRO B 301 20.90 -12.18 21.04
N ASN B 302 22.00 -12.80 20.59
CA ASN B 302 22.39 -12.69 19.20
C ASN B 302 22.00 -13.92 18.39
N GLU B 303 20.98 -14.65 18.84
CA GLU B 303 20.51 -15.81 18.07
C GLU B 303 20.26 -15.35 16.64
N GLY B 304 20.70 -16.12 15.65
CA GLY B 304 20.48 -15.72 14.28
C GLY B 304 21.61 -14.88 13.68
N ALA B 305 22.60 -14.48 14.48
CA ALA B 305 23.68 -13.68 13.94
C ALA B 305 24.57 -14.52 13.04
N THR B 306 25.03 -13.90 11.96
CA THR B 306 25.96 -14.52 11.04
C THR B 306 27.30 -13.96 11.50
N VAL B 307 28.19 -14.86 11.91
CA VAL B 307 29.48 -14.46 12.44
C VAL B 307 30.64 -15.12 11.74
N ARG B 308 31.81 -14.48 11.82
CA ARG B 308 33.03 -15.05 11.24
C ARG B 308 33.46 -16.18 12.17
N THR B 309 33.71 -17.36 11.61
CA THR B 309 34.16 -18.48 12.43
C THR B 309 35.63 -18.77 12.16
N ASP B 310 36.35 -19.17 13.19
CA ASP B 310 37.77 -19.52 13.09
C ASP B 310 38.04 -20.99 12.77
N ALA B 311 36.99 -21.79 12.64
CA ALA B 311 37.14 -23.21 12.36
C ALA B 311 38.01 -23.56 11.16
N GLU B 312 38.87 -24.55 11.36
CA GLU B 312 39.78 -25.03 10.33
C GLU B 312 39.04 -25.59 9.14
N ASN B 313 39.48 -25.21 7.94
CA ASN B 313 38.89 -25.73 6.72
C ASN B 313 37.41 -25.43 6.57
N TYR B 314 36.95 -24.36 7.21
CA TYR B 314 35.53 -24.02 7.13
C TYR B 314 35.25 -23.41 5.76
N PRO B 315 34.16 -23.81 5.08
CA PRO B 315 33.86 -23.24 3.76
C PRO B 315 33.65 -21.73 3.73
N LEU B 316 34.08 -21.10 2.65
CA LEU B 316 33.95 -19.67 2.47
C LEU B 316 32.64 -19.26 1.84
N THR B 317 32.19 -18.06 2.21
CA THR B 317 30.99 -17.47 1.63
C THR B 317 31.47 -16.16 1.03
N PHE B 318 30.98 -15.81 -0.16
CA PHE B 318 31.43 -14.58 -0.79
C PHE B 318 30.47 -13.48 -0.46
N VAL B 319 30.88 -12.64 0.49
CA VAL B 319 30.06 -11.54 0.99
C VAL B 319 30.13 -10.32 0.08
N ALA B 320 28.98 -9.83 -0.37
CA ALA B 320 28.97 -8.66 -1.25
C ALA B 320 29.52 -7.43 -0.56
N ARG B 321 30.28 -6.65 -1.33
CA ARG B 321 30.88 -5.43 -0.83
C ARG B 321 30.68 -4.27 -1.81
N ASN B 322 30.51 -3.05 -1.28
CA ASN B 322 30.38 -1.84 -2.08
C ASN B 322 29.55 -2.01 -3.35
N PRO B 323 28.25 -2.25 -3.22
CA PRO B 323 27.46 -2.43 -4.44
C PRO B 323 27.39 -1.18 -5.31
N GLU B 324 27.25 -1.38 -6.62
CA GLU B 324 27.18 -0.29 -7.58
C GLU B 324 25.74 0.21 -7.63
N ALA B 325 25.44 1.19 -6.77
CA ALA B 325 24.11 1.75 -6.64
C ALA B 325 23.52 2.32 -7.92
N GLU B 326 24.28 3.20 -8.59
CA GLU B 326 23.76 3.78 -9.83
C GLU B 326 23.45 2.70 -10.86
N PHE B 327 24.34 1.72 -10.96
CA PHE B 327 24.13 0.62 -11.90
C PHE B 327 22.86 -0.17 -11.57
N PHE B 328 22.64 -0.44 -10.29
CA PHE B 328 21.45 -1.17 -9.86
C PHE B 328 20.18 -0.37 -10.12
N LEU B 329 20.21 0.90 -9.75
CA LEU B 329 19.03 1.74 -9.92
C LEU B 329 18.65 1.87 -11.38
N ASP B 330 19.64 2.00 -12.26
CA ASP B 330 19.36 2.09 -13.70
C ASP B 330 18.82 0.74 -14.18
N MET B 331 19.42 -0.35 -13.70
CA MET B 331 18.97 -1.69 -14.09
C MET B 331 17.49 -1.90 -13.76
N LEU B 332 17.07 -1.48 -12.57
CA LEU B 332 15.68 -1.69 -12.19
C LEU B 332 14.75 -0.83 -13.06
N LEU B 333 15.09 0.43 -13.29
CA LEU B 333 14.22 1.27 -14.13
C LEU B 333 14.12 0.66 -15.53
N ARG B 334 15.23 0.16 -16.06
CA ARG B 334 15.24 -0.46 -17.38
C ARG B 334 14.46 -1.75 -17.40
N SER B 335 14.64 -2.59 -16.39
CA SER B 335 13.96 -3.86 -16.34
C SER B 335 12.45 -3.68 -16.29
N ALA B 336 12.03 -2.59 -15.66
CA ALA B 336 10.61 -2.30 -15.54
C ALA B 336 10.02 -1.76 -16.84
N ARG B 337 10.83 -1.72 -17.90
CA ARG B 337 10.33 -1.30 -19.22
C ARG B 337 10.23 -2.53 -20.13
N ALA B 338 10.33 -3.74 -19.57
CA ALA B 338 10.23 -4.93 -20.43
C ALA B 338 8.82 -4.99 -21.00
N CYS B 339 7.83 -4.62 -20.20
CA CYS B 339 6.44 -4.60 -20.67
C CYS B 339 5.60 -3.83 -19.68
#